data_4PC9
#
_entry.id   4PC9
#
_cell.length_a   52.365
_cell.length_b   73.339
_cell.length_c   75.752
_cell.angle_alpha   90.000
_cell.angle_beta   90.000
_cell.angle_gamma   90.000
#
_symmetry.space_group_name_H-M   'P 21 21 21'
#
loop_
_entity.id
_entity.type
_entity.pdbx_description
1 polymer 'C4-dicarboxylate transport system, substrate-binding protein, putative'
2 non-polymer 'D-MANNONIC ACID'
3 water water
#
_entity_poly.entity_id   1
_entity_poly.type   'polypeptide(L)'
_entity_poly.pdbx_seq_one_letter_code
;(MSE)HHHHHHSSGVDLGTENLYFQS(MSE)QE(MSE)TLKLGHLANEQNAWHLAAVKFGEELSTLTDGRIAVEVFPNES
LGKEIDLING(MSE)QLGTVD(MSE)TITGESLQNWAP(MSE)AALLAVPYAYKSLEH(MSE)DEVASGEIGEQIKQQII
EKAQVRPIAFFARGPRNLTSQRPITSPADLDG(MSE)K(MSE)RVPNVPLFVDVWSALGASPTP(MSE)AFSEVFTSLQN
GVIDGQENPLALIRSANFNEVQGYVNQTEHVRSWIYLTIAESTWAKLSEDDQNAV(MSE)QAAATAQEYERGLLLESLAE
DRGYLESKG(MSE)TFVEVDGAAFQAAAKDAVLANVSEEIRPIVESLFSE
;
_entity_poly.pdbx_strand_id   A
#
# COMPACT_ATOMS: atom_id res chain seq x y z
N SER A 22 -27.06 12.79 18.74
CA SER A 22 -28.26 12.18 19.28
C SER A 22 -27.98 10.73 19.70
N GLN A 24 -26.05 7.01 19.06
CA GLN A 24 -24.87 6.41 18.47
C GLN A 24 -25.16 4.93 18.35
N GLU A 25 -25.24 4.46 17.11
CA GLU A 25 -25.62 3.07 16.85
C GLU A 25 -24.42 2.16 16.78
N THR A 27 -19.75 1.93 16.30
CA THR A 27 -18.43 2.51 16.15
C THR A 27 -17.61 1.55 15.31
N LEU A 28 -17.17 2.03 14.15
CA LEU A 28 -16.36 1.23 13.25
C LEU A 28 -14.90 1.40 13.61
N LYS A 29 -14.19 0.30 13.78
CA LYS A 29 -12.76 0.36 14.04
C LYS A 29 -11.97 0.27 12.73
N LEU A 30 -11.11 1.25 12.50
CA LEU A 30 -10.35 1.38 11.26
C LEU A 30 -8.85 1.39 11.57
N GLY A 31 -8.14 0.35 11.14
CA GLY A 31 -6.72 0.22 11.43
C GLY A 31 -5.86 0.46 10.20
N HIS A 32 -4.73 1.10 10.40
CA HIS A 32 -3.75 1.23 9.32
C HIS A 32 -2.35 1.29 9.94
N LEU A 33 -1.33 1.23 9.07
CA LEU A 33 0.07 1.11 9.51
C LEU A 33 0.85 2.41 9.57
N ALA A 34 0.27 3.50 9.08
CA ALA A 34 0.98 4.77 9.07
C ALA A 34 0.86 5.53 10.39
N ASN A 35 1.67 6.56 10.54
CA ASN A 35 1.64 7.37 11.74
C ASN A 35 0.66 8.54 11.59
N GLU A 36 0.58 9.34 12.62
CA GLU A 36 -0.47 10.34 12.73
C GLU A 36 -0.27 11.55 11.81
N GLN A 37 0.91 11.70 11.20
CA GLN A 37 1.13 12.79 10.26
C GLN A 37 0.96 12.35 8.80
N ASN A 38 0.77 11.05 8.57
CA ASN A 38 0.72 10.51 7.22
C ASN A 38 -0.63 10.77 6.58
N ALA A 39 -0.63 10.96 5.27
CA ALA A 39 -1.83 11.24 4.50
C ALA A 39 -2.95 10.24 4.81
N TRP A 40 -2.61 8.96 4.94
CA TRP A 40 -3.63 7.93 5.18
C TRP A 40 -4.34 8.17 6.50
N HIS A 41 -3.62 8.58 7.54
CA HIS A 41 -4.23 8.82 8.82
C HIS A 41 -5.17 10.00 8.75
N LEU A 42 -4.70 11.10 8.18
CA LEU A 42 -5.55 12.28 8.05
C LEU A 42 -6.78 11.96 7.22
N ALA A 43 -6.63 11.15 6.17
CA ALA A 43 -7.76 10.75 5.36
C ALA A 43 -8.75 9.89 6.13
N ALA A 44 -8.24 8.99 6.96
CA ALA A 44 -9.11 8.15 7.78
C ALA A 44 -9.90 8.97 8.77
N VAL A 45 -9.26 9.96 9.36
CA VAL A 45 -9.93 10.86 10.27
C VAL A 45 -11.01 11.66 9.52
N LYS A 46 -10.67 12.13 8.33
CA LYS A 46 -11.64 12.88 7.53
C LYS A 46 -12.83 12.00 7.17
N PHE A 47 -12.57 10.76 6.76
CA PHE A 47 -13.65 9.81 6.52
C PHE A 47 -14.58 9.72 7.72
N GLY A 48 -14.01 9.56 8.90
CA GLY A 48 -14.82 9.45 10.11
C GLY A 48 -15.64 10.69 10.39
N GLU A 49 -15.04 11.86 10.21
CA GLU A 49 -15.77 13.11 10.42
C GLU A 49 -16.95 13.19 9.46
N GLU A 50 -16.71 12.89 8.19
CA GLU A 50 -17.76 12.99 7.19
C GLU A 50 -18.87 11.97 7.46
N LEU A 51 -18.48 10.76 7.82
CA LEU A 51 -19.49 9.72 8.05
C LEU A 51 -20.36 10.07 9.25
N SER A 52 -19.75 10.61 10.30
CA SER A 52 -20.50 11.06 11.45
C SER A 52 -21.47 12.16 11.07
N THR A 53 -21.02 13.16 10.32
CA THR A 53 -21.91 14.21 9.90
C THR A 53 -23.08 13.68 9.07
N LEU A 54 -22.78 12.80 8.12
CA LEU A 54 -23.80 12.29 7.22
C LEU A 54 -24.82 11.42 7.92
N THR A 55 -24.45 10.83 9.06
CA THR A 55 -25.35 9.95 9.79
C THR A 55 -25.84 10.56 11.09
N ASP A 56 -25.66 11.87 11.25
CA ASP A 56 -26.07 12.56 12.47
C ASP A 56 -25.48 11.91 13.73
N GLY A 57 -24.25 11.42 13.60
CA GLY A 57 -23.52 10.80 14.69
C GLY A 57 -23.86 9.35 14.96
N ARG A 58 -24.79 8.78 14.18
CA ARG A 58 -25.17 7.39 14.42
C ARG A 58 -24.03 6.42 14.18
N ILE A 59 -23.16 6.72 13.21
CA ILE A 59 -22.01 5.87 12.93
C ILE A 59 -20.73 6.64 13.22
N ALA A 60 -19.97 6.17 14.20
CA ALA A 60 -18.71 6.76 14.57
C ALA A 60 -17.60 5.89 14.02
N VAL A 61 -16.43 6.45 13.87
CA VAL A 61 -15.24 5.74 13.43
C VAL A 61 -14.13 6.01 14.42
N GLU A 62 -13.40 4.96 14.82
CA GLU A 62 -12.23 5.11 15.66
C GLU A 62 -11.04 4.64 14.83
N VAL A 63 -10.03 5.50 14.67
CA VAL A 63 -8.87 5.21 13.82
C VAL A 63 -7.70 4.77 14.71
N PHE A 64 -7.05 3.69 14.29
CA PHE A 64 -5.93 3.08 14.99
C PHE A 64 -4.71 3.10 14.09
N PRO A 65 -3.81 4.05 14.30
CA PRO A 65 -2.61 4.15 13.48
C PRO A 65 -1.52 3.19 13.96
N ASN A 66 -0.42 3.13 13.22
CA ASN A 66 0.78 2.42 13.68
C ASN A 66 0.56 0.92 13.92
N GLU A 67 -0.38 0.33 13.19
CA GLU A 67 -0.77 -1.07 13.36
C GLU A 67 -1.20 -1.37 14.81
N SER A 68 -1.71 -0.37 15.52
CA SER A 68 -2.14 -0.55 16.90
C SER A 68 -3.39 -1.43 17.05
N LEU A 69 -4.18 -1.58 15.99
CA LEU A 69 -5.33 -2.47 16.06
C LEU A 69 -4.92 -3.90 15.73
N GLY A 70 -3.83 -4.04 15.00
CA GLY A 70 -3.32 -5.31 14.56
C GLY A 70 -2.53 -5.13 13.27
N LYS A 71 -1.72 -6.13 12.97
CA LYS A 71 -0.97 -6.13 11.73
C LYS A 71 -1.90 -6.36 10.55
N GLU A 72 -1.52 -5.82 9.40
CA GLU A 72 -2.36 -5.86 8.20
C GLU A 72 -3.00 -7.22 7.94
N ILE A 73 -2.21 -8.29 7.83
CA ILE A 73 -2.79 -9.60 7.50
C ILE A 73 -3.77 -10.06 8.57
N ASP A 74 -3.46 -9.76 9.83
CA ASP A 74 -4.35 -10.11 10.92
C ASP A 74 -5.66 -9.30 10.86
N LEU A 75 -5.58 -8.05 10.44
CA LEU A 75 -6.81 -7.28 10.27
C LEU A 75 -7.68 -7.83 9.15
N ILE A 76 -7.08 -8.27 8.06
CA ILE A 76 -7.88 -8.84 6.98
C ILE A 76 -8.59 -10.09 7.49
N ASN A 77 -7.89 -10.95 8.20
CA ASN A 77 -8.50 -12.11 8.81
C ASN A 77 -9.62 -11.70 9.78
N GLY A 78 -9.39 -10.65 10.56
CA GLY A 78 -10.41 -10.14 11.47
C GLY A 78 -11.66 -9.64 10.77
N GLN A 80 -12.78 -10.80 7.97
CA GLN A 80 -13.49 -12.01 7.55
C GLN A 80 -14.25 -12.64 8.70
N LEU A 81 -13.67 -12.57 9.90
CA LEU A 81 -14.24 -13.22 11.07
C LEU A 81 -15.30 -12.38 11.75
N GLY A 82 -15.31 -11.08 11.50
CA GLY A 82 -16.31 -10.19 12.06
C GLY A 82 -15.84 -9.38 13.26
N THR A 83 -14.54 -9.29 13.48
CA THR A 83 -14.00 -8.59 14.63
C THR A 83 -13.31 -7.25 14.31
N VAL A 84 -13.11 -6.98 13.02
CA VAL A 84 -12.49 -5.74 12.58
C VAL A 84 -13.38 -5.17 11.47
N ASP A 85 -13.63 -3.87 11.49
CA ASP A 85 -14.50 -3.24 10.49
C ASP A 85 -13.81 -2.73 9.24
N THR A 87 -9.90 -1.32 7.20
CA THR A 87 -8.47 -1.14 7.12
C THR A 87 -8.07 -0.55 5.78
N ILE A 88 -6.83 -0.12 5.69
CA ILE A 88 -6.23 0.34 4.46
C ILE A 88 -5.30 -0.77 3.99
N THR A 89 -5.60 -1.37 2.86
CA THR A 89 -4.91 -2.56 2.37
C THR A 89 -4.95 -2.56 0.85
N GLY A 90 -3.91 -3.13 0.27
CA GLY A 90 -3.70 -3.13 -1.17
C GLY A 90 -3.27 -4.49 -1.65
N GLU A 91 -2.07 -4.55 -2.21
CA GLU A 91 -1.65 -5.77 -2.90
C GLU A 91 -1.45 -6.97 -1.98
N SER A 92 -1.37 -6.80 -0.66
CA SER A 92 -1.37 -7.98 0.23
C SER A 92 -2.69 -8.75 0.13
N LEU A 93 -3.71 -8.15 -0.46
CA LEU A 93 -4.93 -8.89 -0.73
C LEU A 93 -4.74 -10.00 -1.78
N GLN A 94 -3.61 -10.00 -2.48
CA GLN A 94 -3.41 -11.02 -3.49
C GLN A 94 -3.32 -12.41 -2.88
N ASN A 95 -3.09 -12.53 -1.57
CA ASN A 95 -3.14 -13.81 -0.88
C ASN A 95 -4.52 -14.43 -0.85
N TRP A 96 -5.56 -13.65 -1.18
CA TRP A 96 -6.92 -14.15 -1.30
C TRP A 96 -7.48 -13.95 -2.71
N ALA A 97 -7.19 -12.80 -3.29
CA ALA A 97 -7.76 -12.38 -4.58
C ALA A 97 -6.61 -12.10 -5.50
N PRO A 98 -6.24 -13.07 -6.34
CA PRO A 98 -5.03 -12.90 -7.17
C PRO A 98 -5.00 -11.61 -8.01
N ALA A 100 -5.73 -8.73 -7.16
CA ALA A 100 -5.22 -7.62 -6.37
C ALA A 100 -3.72 -7.40 -6.54
N ALA A 101 -3.00 -8.37 -7.08
CA ALA A 101 -1.60 -8.14 -7.41
C ALA A 101 -1.44 -6.99 -8.41
N LEU A 102 -2.49 -6.71 -9.17
CA LEU A 102 -2.45 -5.64 -10.16
C LEU A 102 -2.31 -4.24 -9.54
N LEU A 103 -2.57 -4.09 -8.24
CA LEU A 103 -2.37 -2.81 -7.59
C LEU A 103 -0.93 -2.38 -7.58
N ALA A 104 -0.01 -3.33 -7.72
CA ALA A 104 1.38 -3.05 -7.42
C ALA A 104 2.32 -3.93 -8.23
N VAL A 105 2.15 -3.93 -9.54
CA VAL A 105 3.06 -4.66 -10.42
C VAL A 105 4.27 -3.77 -10.70
N PRO A 106 5.48 -4.27 -10.41
CA PRO A 106 6.68 -3.48 -10.65
C PRO A 106 6.75 -2.92 -12.07
N TYR A 107 7.01 -1.62 -12.18
CA TYR A 107 7.24 -0.92 -13.44
C TYR A 107 6.05 -0.90 -14.39
N ALA A 108 4.88 -1.20 -13.88
CA ALA A 108 3.68 -1.26 -14.72
C ALA A 108 3.01 0.10 -14.95
N TYR A 109 2.93 0.93 -13.91
CA TYR A 109 2.15 2.17 -14.00
C TYR A 109 3.07 3.35 -14.04
N LYS A 110 2.68 4.32 -14.86
CA LYS A 110 3.54 5.43 -15.23
C LYS A 110 3.37 6.65 -14.36
N SER A 111 2.20 6.82 -13.79
CA SER A 111 1.83 8.08 -13.15
C SER A 111 0.59 7.88 -12.31
N LEU A 112 0.27 8.89 -11.53
CA LEU A 112 -0.96 8.89 -10.76
C LEU A 112 -2.16 8.84 -11.70
N GLU A 113 -2.13 9.58 -12.79
CA GLU A 113 -3.23 9.63 -13.72
C GLU A 113 -3.50 8.26 -14.34
N HIS A 114 -2.43 7.55 -14.70
CA HIS A 114 -2.55 6.21 -15.25
C HIS A 114 -3.23 5.28 -14.25
N ASP A 116 -5.14 6.08 -11.71
CA ASP A 116 -6.52 6.46 -11.52
C ASP A 116 -7.41 5.85 -12.60
N GLU A 117 -6.94 5.86 -13.84
CA GLU A 117 -7.71 5.27 -14.94
C GLU A 117 -7.92 3.78 -14.74
N VAL A 118 -6.89 3.07 -14.32
CA VAL A 118 -7.01 1.63 -14.15
C VAL A 118 -7.89 1.32 -12.94
N ALA A 119 -7.62 1.97 -11.81
CA ALA A 119 -8.36 1.70 -10.58
C ALA A 119 -9.83 2.02 -10.73
N SER A 120 -10.16 3.01 -11.54
CA SER A 120 -11.54 3.44 -11.70
C SER A 120 -12.23 2.84 -12.92
N GLY A 121 -11.50 2.05 -13.71
CA GLY A 121 -12.02 1.48 -14.94
C GLY A 121 -12.53 0.07 -14.75
N GLU A 122 -12.78 -0.62 -15.85
CA GLU A 122 -13.36 -1.96 -15.79
C GLU A 122 -12.42 -2.98 -15.15
N ILE A 123 -11.12 -2.84 -15.37
N ILE A 123 -11.12 -2.86 -15.39
CA ILE A 123 -10.17 -3.72 -14.70
CA ILE A 123 -10.18 -3.73 -14.72
C ILE A 123 -10.27 -3.51 -13.19
C ILE A 123 -10.27 -3.50 -13.20
N GLY A 124 -10.33 -2.26 -12.76
CA GLY A 124 -10.51 -1.94 -11.37
C GLY A 124 -11.79 -2.54 -10.80
N GLU A 125 -12.87 -2.56 -11.57
CA GLU A 125 -14.12 -3.16 -11.11
C GLU A 125 -13.95 -4.67 -10.91
N GLN A 126 -13.26 -5.33 -11.83
CA GLN A 126 -13.01 -6.77 -11.68
C GLN A 126 -12.17 -7.04 -10.44
N ILE A 127 -11.16 -6.22 -10.19
CA ILE A 127 -10.35 -6.40 -9.00
C ILE A 127 -11.21 -6.23 -7.75
N LYS A 128 -12.00 -5.17 -7.72
CA LYS A 128 -12.87 -4.92 -6.59
C LYS A 128 -13.78 -6.10 -6.32
N GLN A 129 -14.41 -6.63 -7.37
CA GLN A 129 -15.34 -7.72 -7.18
C GLN A 129 -14.66 -8.99 -6.67
N GLN A 130 -13.44 -9.26 -7.12
CA GLN A 130 -12.75 -10.45 -6.65
C GLN A 130 -12.34 -10.27 -5.18
N ILE A 131 -11.96 -9.06 -4.78
CA ILE A 131 -11.64 -8.80 -3.39
C ILE A 131 -12.89 -9.02 -2.52
N ILE A 132 -14.03 -8.51 -2.94
CA ILE A 132 -15.26 -8.73 -2.20
C ILE A 132 -15.55 -10.22 -2.06
N GLU A 133 -15.49 -10.95 -3.16
CA GLU A 133 -15.85 -12.38 -3.16
C GLU A 133 -14.87 -13.24 -2.40
N LYS A 134 -13.58 -13.07 -2.65
CA LYS A 134 -12.54 -13.99 -2.15
C LYS A 134 -11.90 -13.55 -0.84
N ALA A 135 -11.91 -12.25 -0.58
CA ALA A 135 -11.33 -11.74 0.67
C ALA A 135 -12.41 -11.28 1.65
N GLN A 136 -13.65 -11.11 1.19
CA GLN A 136 -14.77 -10.66 2.01
C GLN A 136 -14.49 -9.29 2.60
N VAL A 137 -13.80 -8.46 1.85
CA VAL A 137 -13.66 -7.04 2.19
C VAL A 137 -14.02 -6.23 0.95
N ARG A 138 -14.52 -5.04 1.20
CA ARG A 138 -15.08 -4.20 0.16
C ARG A 138 -14.31 -2.89 0.02
N PRO A 139 -13.59 -2.70 -1.09
CA PRO A 139 -12.97 -1.40 -1.33
C PRO A 139 -14.02 -0.30 -1.50
N ILE A 140 -13.85 0.81 -0.79
CA ILE A 140 -14.75 1.95 -0.90
C ILE A 140 -14.08 3.23 -1.38
N ALA A 141 -12.75 3.24 -1.42
CA ALA A 141 -11.97 4.34 -1.98
C ALA A 141 -10.61 3.80 -2.33
N PHE A 142 -9.88 4.50 -3.19
CA PHE A 142 -8.49 4.18 -3.43
C PHE A 142 -7.62 5.40 -3.29
N PHE A 143 -6.42 5.16 -2.78
CA PHE A 143 -5.41 6.20 -2.63
C PHE A 143 -4.23 5.81 -3.49
N ALA A 144 -3.88 6.64 -4.47
CA ALA A 144 -2.64 6.43 -5.23
C ALA A 144 -1.46 6.76 -4.33
N ARG A 145 -0.34 6.09 -4.58
CA ARG A 145 0.86 6.23 -3.76
C ARG A 145 2.04 6.71 -4.55
N GLY A 146 3.02 7.31 -3.85
CA GLY A 146 4.30 7.59 -4.46
C GLY A 146 5.06 6.29 -4.70
N PRO A 147 6.11 6.34 -5.52
CA PRO A 147 6.82 5.12 -5.87
C PRO A 147 7.55 4.51 -4.69
N ARG A 148 7.61 3.18 -4.66
CA ARG A 148 8.42 2.47 -3.68
C ARG A 148 9.89 2.58 -4.08
N ASN A 149 10.74 2.77 -3.07
CA ASN A 149 12.19 2.78 -3.23
C ASN A 149 12.83 1.83 -2.25
N LEU A 150 13.94 1.25 -2.65
CA LEU A 150 14.71 0.34 -1.82
C LEU A 150 15.60 1.14 -0.88
N THR A 151 15.53 0.88 0.41
CA THR A 151 16.46 1.47 1.35
C THR A 151 17.45 0.42 1.80
N SER A 152 18.61 0.89 2.28
CA SER A 152 19.71 -0.01 2.57
C SER A 152 20.76 0.63 3.45
N GLN A 153 21.76 -0.17 3.84
CA GLN A 153 22.92 0.28 4.60
C GLN A 153 24.11 0.59 3.70
N ARG A 154 24.08 0.13 2.46
CA ARG A 154 25.13 0.44 1.48
C ARG A 154 24.44 0.76 0.16
N PRO A 155 25.04 1.61 -0.68
CA PRO A 155 24.34 1.98 -1.91
C PRO A 155 24.09 0.79 -2.82
N ILE A 156 22.90 0.75 -3.41
CA ILE A 156 22.53 -0.31 -4.34
C ILE A 156 22.18 0.37 -5.65
N THR A 157 23.08 0.30 -6.62
CA THR A 157 22.91 1.02 -7.87
C THR A 157 22.41 0.15 -9.03
N SER A 158 22.41 -1.16 -8.85
CA SER A 158 21.92 -2.08 -9.87
C SER A 158 21.59 -3.39 -9.19
N PRO A 159 20.85 -4.26 -9.89
CA PRO A 159 20.57 -5.57 -9.28
C PRO A 159 21.85 -6.30 -8.89
N ALA A 160 22.93 -6.13 -9.65
CA ALA A 160 24.20 -6.80 -9.37
C ALA A 160 24.75 -6.43 -8.00
N ASP A 161 24.36 -5.28 -7.47
CA ASP A 161 24.85 -4.89 -6.15
C ASP A 161 24.17 -5.64 -5.02
N LEU A 162 23.02 -6.28 -5.26
CA LEU A 162 22.27 -6.89 -4.17
C LEU A 162 23.04 -8.03 -3.51
N ASP A 163 23.52 -8.97 -4.31
CA ASP A 163 24.44 -10.00 -3.83
C ASP A 163 23.93 -10.70 -2.57
N GLY A 164 22.64 -11.03 -2.56
CA GLY A 164 22.06 -11.82 -1.49
C GLY A 164 21.57 -11.01 -0.31
N LYS A 166 19.95 -9.31 2.62
CA LYS A 166 18.76 -9.63 3.40
C LYS A 166 17.86 -8.42 3.47
N ARG A 168 13.47 -6.98 3.83
CA ARG A 168 12.06 -7.24 4.10
C ARG A 168 11.19 -6.78 2.95
N VAL A 169 10.17 -7.58 2.67
CA VAL A 169 9.04 -7.16 1.84
C VAL A 169 7.77 -7.35 2.67
N PRO A 170 6.68 -6.68 2.27
CA PRO A 170 5.37 -6.99 2.88
C PRO A 170 4.94 -8.39 2.46
N ASN A 171 3.74 -8.80 2.91
CA ASN A 171 3.21 -10.14 2.67
C ASN A 171 2.62 -10.23 1.28
N VAL A 172 3.51 -10.16 0.30
CA VAL A 172 3.16 -9.98 -1.10
C VAL A 172 4.01 -10.97 -1.91
N PRO A 173 3.43 -12.12 -2.28
CA PRO A 173 4.22 -13.14 -2.97
C PRO A 173 4.90 -12.61 -4.22
N LEU A 174 4.28 -11.71 -4.97
CA LEU A 174 4.93 -11.22 -6.17
C LEU A 174 6.21 -10.45 -5.83
N PHE A 175 6.24 -9.75 -4.69
CA PHE A 175 7.44 -9.03 -4.29
C PHE A 175 8.54 -9.99 -3.85
N VAL A 176 8.19 -11.08 -3.17
CA VAL A 176 9.17 -12.10 -2.84
C VAL A 176 9.80 -12.61 -4.14
N ASP A 177 8.96 -12.92 -5.12
CA ASP A 177 9.43 -13.45 -6.39
C ASP A 177 10.38 -12.47 -7.07
N VAL A 178 10.00 -11.22 -7.15
CA VAL A 178 10.78 -10.25 -7.89
C VAL A 178 12.10 -9.94 -7.19
N TRP A 179 12.06 -9.69 -5.89
CA TRP A 179 13.29 -9.33 -5.21
C TRP A 179 14.25 -10.51 -5.12
N SER A 180 13.75 -11.73 -5.02
N SER A 180 13.74 -11.73 -5.02
CA SER A 180 14.63 -12.89 -5.04
CA SER A 180 14.59 -12.91 -5.07
C SER A 180 15.27 -13.04 -6.42
C SER A 180 15.28 -12.97 -6.42
N ALA A 181 14.50 -12.84 -7.48
CA ALA A 181 15.04 -12.94 -8.83
C ALA A 181 16.08 -11.87 -9.09
N LEU A 182 15.90 -10.68 -8.50
CA LEU A 182 16.85 -9.59 -8.68
C LEU A 182 18.15 -9.84 -7.95
N GLY A 183 18.18 -10.78 -7.01
CA GLY A 183 19.43 -11.15 -6.37
C GLY A 183 19.44 -10.92 -4.88
N ALA A 184 18.35 -10.42 -4.32
CA ALA A 184 18.26 -10.21 -2.88
C ALA A 184 17.71 -11.45 -2.19
N SER A 185 17.64 -11.39 -0.86
CA SER A 185 17.05 -12.45 -0.05
C SER A 185 15.91 -11.84 0.74
N PRO A 186 14.73 -11.75 0.13
CA PRO A 186 13.60 -11.09 0.80
C PRO A 186 12.84 -12.00 1.74
N THR A 187 12.37 -11.43 2.84
CA THR A 187 11.56 -12.14 3.83
C THR A 187 10.31 -11.30 4.07
N PRO A 188 9.12 -11.88 3.99
CA PRO A 188 7.91 -11.12 4.33
C PRO A 188 7.79 -10.88 5.83
N ALA A 190 5.43 -8.18 8.79
CA ALA A 190 4.54 -7.07 9.07
C ALA A 190 5.30 -5.74 9.12
N PHE A 191 4.66 -4.69 8.65
CA PHE A 191 5.29 -3.37 8.57
C PHE A 191 5.82 -2.89 9.92
N SER A 192 5.04 -3.09 10.97
CA SER A 192 5.41 -2.59 12.29
C SER A 192 6.57 -3.36 12.92
N GLU A 193 7.03 -4.43 12.28
CA GLU A 193 8.17 -5.19 12.77
C GLU A 193 9.48 -4.77 12.11
N VAL A 194 9.39 -3.95 11.07
CA VAL A 194 10.55 -3.68 10.22
C VAL A 194 11.63 -2.87 10.93
N PHE A 195 11.24 -1.81 11.63
CA PHE A 195 12.20 -0.92 12.26
C PHE A 195 13.16 -1.71 13.16
N THR A 196 12.60 -2.53 14.03
CA THR A 196 13.43 -3.25 15.00
C THR A 196 14.28 -4.31 14.31
N SER A 197 13.75 -4.93 13.27
CA SER A 197 14.48 -5.92 12.50
C SER A 197 15.71 -5.28 11.83
N LEU A 198 15.55 -4.09 11.28
CA LEU A 198 16.67 -3.32 10.72
C LEU A 198 17.65 -2.92 11.81
N GLN A 199 17.13 -2.40 12.92
CA GLN A 199 17.96 -1.95 14.03
C GLN A 199 18.85 -3.07 14.55
N ASN A 200 18.31 -4.29 14.59
CA ASN A 200 19.02 -5.44 15.14
C ASN A 200 19.84 -6.21 14.12
N GLY A 201 19.84 -5.75 12.87
CA GLY A 201 20.64 -6.35 11.82
C GLY A 201 20.13 -7.67 11.26
N VAL A 202 18.88 -8.01 11.56
CA VAL A 202 18.27 -9.22 11.02
C VAL A 202 18.08 -9.07 9.51
N ILE A 203 17.74 -7.86 9.08
CA ILE A 203 17.65 -7.48 7.67
C ILE A 203 18.48 -6.23 7.48
N ASP A 204 18.92 -5.99 6.26
CA ASP A 204 19.71 -4.79 5.95
C ASP A 204 18.94 -3.75 5.16
N GLY A 205 17.80 -4.12 4.60
CA GLY A 205 17.02 -3.21 3.79
C GLY A 205 15.54 -3.52 3.78
N GLN A 206 14.78 -2.62 3.19
CA GLN A 206 13.36 -2.80 2.96
C GLN A 206 13.02 -1.92 1.77
N GLU A 207 11.75 -1.84 1.41
CA GLU A 207 11.37 -1.04 0.26
C GLU A 207 9.98 -0.49 0.47
N ASN A 208 9.82 0.80 0.21
CA ASN A 208 8.55 1.47 0.49
C ASN A 208 8.56 2.85 -0.11
N PRO A 209 7.38 3.47 -0.25
CA PRO A 209 7.38 4.87 -0.70
C PRO A 209 8.01 5.78 0.36
N LEU A 210 8.47 6.95 -0.06
CA LEU A 210 9.06 7.90 0.86
C LEU A 210 8.17 8.23 2.04
N ALA A 211 6.85 8.32 1.80
CA ALA A 211 5.94 8.68 2.89
C ALA A 211 6.01 7.66 4.04
N LEU A 212 6.18 6.38 3.74
CA LEU A 212 6.24 5.37 4.79
C LEU A 212 7.64 5.23 5.38
N ILE A 213 8.67 5.49 4.58
CA ILE A 213 10.03 5.57 5.11
C ILE A 213 10.06 6.65 6.19
N ARG A 214 9.44 7.79 5.90
CA ARG A 214 9.31 8.87 6.86
C ARG A 214 8.43 8.48 8.06
N SER A 215 7.26 7.91 7.79
CA SER A 215 6.31 7.58 8.84
C SER A 215 6.92 6.67 9.89
N ALA A 216 7.68 5.68 9.45
CA ALA A 216 8.25 4.68 10.35
C ALA A 216 9.64 5.02 10.85
N ASN A 217 10.14 6.20 10.50
CA ASN A 217 11.45 6.64 10.97
C ASN A 217 12.58 5.73 10.51
N PHE A 218 12.47 5.18 9.31
CA PHE A 218 13.51 4.28 8.83
C PHE A 218 14.84 5.02 8.59
N ASN A 219 14.81 6.34 8.54
CA ASN A 219 16.03 7.14 8.52
C ASN A 219 16.94 6.82 9.70
N GLU A 220 16.38 6.35 10.81
CA GLU A 220 17.19 6.06 12.00
C GLU A 220 17.94 4.74 11.88
N VAL A 221 17.55 3.90 10.92
CA VAL A 221 18.09 2.56 10.81
C VAL A 221 18.48 2.19 9.38
N GLN A 222 18.53 3.18 8.49
CA GLN A 222 18.95 2.99 7.09
C GLN A 222 19.75 4.21 6.66
N GLY A 223 20.80 3.99 5.88
CA GLY A 223 21.61 5.09 5.39
C GLY A 223 21.23 5.63 4.03
N TYR A 224 20.62 4.79 3.19
CA TYR A 224 20.45 5.10 1.78
C TYR A 224 19.04 4.88 1.31
N VAL A 225 18.58 5.79 0.46
CA VAL A 225 17.39 5.59 -0.36
C VAL A 225 17.85 5.42 -1.78
N ASN A 226 17.77 4.20 -2.28
CA ASN A 226 18.14 3.92 -3.66
C ASN A 226 16.91 4.15 -4.51
N GLN A 227 17.03 5.03 -5.49
CA GLN A 227 15.87 5.49 -6.24
C GLN A 227 15.45 4.53 -7.35
N THR A 228 15.09 3.34 -6.92
CA THR A 228 14.64 2.29 -7.82
C THR A 228 13.27 2.59 -8.40
N GLU A 229 12.41 3.25 -7.62
CA GLU A 229 11.05 3.60 -8.07
C GLU A 229 10.41 2.40 -8.74
N HIS A 230 10.50 1.26 -8.07
CA HIS A 230 10.21 -0.03 -8.72
C HIS A 230 8.75 -0.40 -8.71
N VAL A 231 7.94 0.26 -7.91
CA VAL A 231 6.50 0.04 -7.93
C VAL A 231 5.78 1.35 -7.72
N ARG A 232 4.88 1.68 -8.63
CA ARG A 232 3.88 2.72 -8.42
C ARG A 232 2.55 1.99 -8.24
N SER A 233 1.87 2.26 -7.14
CA SER A 233 0.72 1.48 -6.75
C SER A 233 -0.39 2.34 -6.20
N TRP A 234 -1.57 1.74 -6.11
CA TRP A 234 -2.65 2.31 -5.29
C TRP A 234 -3.01 1.33 -4.19
N ILE A 235 -3.79 1.80 -3.23
CA ILE A 235 -4.20 1.02 -2.08
C ILE A 235 -5.67 1.36 -1.82
N TYR A 236 -6.37 0.47 -1.14
CA TYR A 236 -7.80 0.67 -0.87
C TYR A 236 -8.08 1.00 0.58
N LEU A 237 -9.04 1.89 0.78
CA LEU A 237 -9.79 1.95 2.03
C LEU A 237 -10.87 0.89 1.92
N THR A 238 -10.96 0.01 2.91
CA THR A 238 -11.87 -1.13 2.85
C THR A 238 -12.72 -1.24 4.08
N ILE A 239 -13.90 -1.85 3.89
CA ILE A 239 -14.82 -2.18 4.97
C ILE A 239 -15.14 -3.67 4.86
N ALA A 240 -15.26 -4.34 5.99
CA ALA A 240 -15.60 -5.75 6.02
C ALA A 240 -16.92 -5.95 5.29
N GLU A 241 -17.00 -6.95 4.43
CA GLU A 241 -18.26 -7.19 3.72
C GLU A 241 -19.38 -7.53 4.72
N SER A 242 -19.06 -8.20 5.83
CA SER A 242 -20.08 -8.51 6.80
C SER A 242 -20.58 -7.26 7.53
N THR A 243 -19.76 -6.23 7.61
CA THR A 243 -20.19 -4.95 8.18
C THR A 243 -21.05 -4.21 7.15
N TRP A 244 -20.58 -4.14 5.92
CA TRP A 244 -21.34 -3.53 4.82
C TRP A 244 -22.76 -4.10 4.74
N ALA A 245 -22.86 -5.43 4.87
CA ALA A 245 -24.12 -6.14 4.67
C ALA A 245 -25.17 -5.74 5.69
N LYS A 246 -24.73 -5.28 6.86
CA LYS A 246 -25.62 -4.94 7.96
C LYS A 246 -26.13 -3.53 7.86
N LEU A 247 -25.53 -2.73 6.99
CA LEU A 247 -25.88 -1.33 6.88
C LEU A 247 -27.11 -1.14 6.01
N SER A 248 -27.95 -0.19 6.37
CA SER A 248 -29.06 0.19 5.50
C SER A 248 -28.50 0.77 4.19
N GLU A 249 -29.34 0.85 3.17
CA GLU A 249 -28.93 1.42 1.90
C GLU A 249 -28.49 2.86 2.10
N ASP A 250 -29.24 3.61 2.90
CA ASP A 250 -28.86 4.99 3.18
C ASP A 250 -27.49 5.09 3.85
N ASP A 251 -27.21 4.21 4.80
CA ASP A 251 -25.90 4.25 5.46
C ASP A 251 -24.76 3.77 4.54
N GLN A 252 -25.05 2.81 3.65
CA GLN A 252 -24.09 2.41 2.62
C GLN A 252 -23.74 3.62 1.77
N ASN A 253 -24.76 4.36 1.36
CA ASN A 253 -24.53 5.58 0.59
C ASN A 253 -23.69 6.59 1.35
N ALA A 254 -23.95 6.74 2.64
CA ALA A 254 -23.17 7.66 3.47
C ALA A 254 -21.69 7.22 3.53
N VAL A 255 -21.46 5.93 3.70
CA VAL A 255 -20.12 5.39 3.69
C VAL A 255 -19.41 5.72 2.37
N GLN A 257 -20.12 8.11 0.22
N GLN A 257 -20.11 8.15 0.19
CA GLN A 257 -20.00 9.56 0.12
CA GLN A 257 -19.84 9.57 0.04
C GLN A 257 -18.84 10.09 0.98
C GLN A 257 -18.70 10.01 0.93
N ALA A 258 -18.72 9.58 2.19
CA ALA A 258 -17.64 9.94 3.11
C ALA A 258 -16.31 9.48 2.53
N ALA A 259 -16.30 8.29 1.94
CA ALA A 259 -15.06 7.76 1.36
C ALA A 259 -14.62 8.58 0.17
N ALA A 260 -15.54 9.02 -0.67
CA ALA A 260 -15.21 9.85 -1.82
C ALA A 260 -14.63 11.19 -1.37
N THR A 261 -15.22 11.79 -0.34
CA THR A 261 -14.69 13.02 0.21
C THR A 261 -13.28 12.80 0.76
N ALA A 262 -13.10 11.73 1.50
CA ALA A 262 -11.78 11.40 2.04
C ALA A 262 -10.76 11.16 0.94
N GLN A 263 -11.18 10.53 -0.14
CA GLN A 263 -10.26 10.26 -1.25
C GLN A 263 -9.78 11.57 -1.89
N GLU A 264 -10.69 12.51 -2.13
CA GLU A 264 -10.31 13.78 -2.73
C GLU A 264 -9.32 14.51 -1.83
N TYR A 265 -9.59 14.50 -0.54
CA TYR A 265 -8.74 15.14 0.46
C TYR A 265 -7.37 14.47 0.50
N GLU A 266 -7.36 13.15 0.50
CA GLU A 266 -6.13 12.39 0.59
C GLU A 266 -5.21 12.67 -0.60
N ARG A 267 -5.75 12.80 -1.79
CA ARG A 267 -4.91 13.05 -2.97
C ARG A 267 -4.12 14.34 -2.81
N GLY A 268 -4.76 15.38 -2.29
CA GLY A 268 -4.06 16.62 -2.02
C GLY A 268 -2.91 16.45 -1.05
N LEU A 269 -3.13 15.68 0.00
CA LEU A 269 -2.09 15.39 0.97
C LEU A 269 -0.96 14.58 0.36
N LEU A 270 -1.29 13.65 -0.52
CA LEU A 270 -0.25 12.91 -1.21
C LEU A 270 0.61 13.86 -2.04
N LEU A 271 -0.03 14.72 -2.80
CA LEU A 271 0.70 15.66 -3.65
C LEU A 271 1.62 16.56 -2.81
N GLU A 272 1.12 17.05 -1.68
CA GLU A 272 1.96 17.85 -0.78
C GLU A 272 3.18 17.05 -0.34
N SER A 273 2.98 15.78 -0.01
CA SER A 273 4.07 14.95 0.47
C SER A 273 5.14 14.74 -0.59
N LEU A 274 4.74 14.74 -1.85
CA LEU A 274 5.71 14.58 -2.93
C LEU A 274 6.65 15.76 -2.96
N ALA A 275 6.20 16.93 -2.55
CA ALA A 275 7.05 18.11 -2.57
C ALA A 275 8.04 18.11 -1.41
N GLU A 276 7.73 17.40 -0.35
CA GLU A 276 8.50 17.56 0.88
C GLU A 276 9.26 16.35 1.40
N ASP A 277 8.86 15.14 1.08
CA ASP A 277 9.40 14.00 1.83
C ASP A 277 10.86 13.71 1.53
N ARG A 278 11.30 13.86 0.29
CA ARG A 278 12.71 13.63 0.00
C ARG A 278 13.57 14.62 0.80
N GLY A 279 13.22 15.90 0.76
CA GLY A 279 13.99 16.91 1.48
C GLY A 279 14.03 16.61 2.97
N TYR A 280 12.91 16.17 3.51
CA TYR A 280 12.85 15.83 4.92
C TYR A 280 13.81 14.70 5.23
N LEU A 281 13.77 13.64 4.43
CA LEU A 281 14.59 12.47 4.70
C LEU A 281 16.08 12.80 4.55
N GLU A 282 16.41 13.67 3.60
CA GLU A 282 17.78 14.15 3.47
C GLU A 282 18.20 14.93 4.69
N SER A 283 17.29 15.71 5.25
CA SER A 283 17.62 16.52 6.43
C SER A 283 17.85 15.61 7.63
N LYS A 284 17.35 14.37 7.58
CA LYS A 284 17.54 13.38 8.63
C LYS A 284 18.72 12.48 8.32
N GLY A 285 19.51 12.87 7.32
CA GLY A 285 20.78 12.23 7.04
C GLY A 285 20.77 11.16 5.97
N THR A 287 20.94 9.43 2.40
CA THR A 287 21.57 9.73 1.11
C THR A 287 20.77 9.08 0.00
N PHE A 288 20.34 9.88 -0.96
CA PHE A 288 19.62 9.38 -2.12
C PHE A 288 20.58 8.98 -3.21
N VAL A 289 20.39 7.78 -3.74
CA VAL A 289 21.31 7.15 -4.68
C VAL A 289 20.60 6.95 -6.01
N GLU A 290 21.18 7.47 -7.10
CA GLU A 290 20.67 7.21 -8.43
C GLU A 290 21.06 5.80 -8.84
N VAL A 291 20.15 5.12 -9.50
CA VAL A 291 20.39 3.73 -9.91
C VAL A 291 20.42 3.59 -11.41
N ASP A 292 20.90 2.44 -11.85
CA ASP A 292 20.80 2.01 -13.23
C ASP A 292 19.36 1.56 -13.46
N GLY A 293 18.51 2.51 -13.83
CA GLY A 293 17.10 2.25 -13.94
C GLY A 293 16.77 1.22 -15.00
N ALA A 294 17.48 1.29 -16.13
CA ALA A 294 17.27 0.35 -17.20
C ALA A 294 17.54 -1.08 -16.73
N ALA A 295 18.61 -1.26 -15.96
CA ALA A 295 18.95 -2.60 -15.48
C ALA A 295 17.91 -3.12 -14.50
N PHE A 296 17.48 -2.29 -13.58
CA PHE A 296 16.44 -2.69 -12.64
C PHE A 296 15.15 -3.03 -13.37
N GLN A 297 14.76 -2.16 -14.29
CA GLN A 297 13.48 -2.34 -14.97
C GLN A 297 13.50 -3.61 -15.80
N ALA A 298 14.57 -3.86 -16.53
CA ALA A 298 14.60 -5.03 -17.38
C ALA A 298 14.55 -6.31 -16.56
N ALA A 299 15.35 -6.36 -15.50
CA ALA A 299 15.41 -7.55 -14.67
C ALA A 299 14.09 -7.76 -13.94
N ALA A 300 13.49 -6.69 -13.45
CA ALA A 300 12.23 -6.81 -12.73
C ALA A 300 11.08 -7.22 -13.63
N LYS A 301 11.00 -6.66 -14.83
CA LYS A 301 9.95 -7.04 -15.76
C LYS A 301 10.07 -8.50 -16.13
N ASP A 302 11.29 -8.98 -16.37
CA ASP A 302 11.49 -10.40 -16.65
C ASP A 302 10.99 -11.26 -15.49
N ALA A 303 11.33 -10.85 -14.28
CA ALA A 303 10.93 -11.61 -13.11
C ALA A 303 9.41 -11.60 -12.94
N VAL A 304 8.77 -10.46 -13.21
CA VAL A 304 7.32 -10.39 -13.12
C VAL A 304 6.70 -11.39 -14.11
N LEU A 305 7.20 -11.38 -15.34
CA LEU A 305 6.61 -12.23 -16.36
C LEU A 305 6.84 -13.72 -16.08
N ALA A 306 7.94 -14.05 -15.40
CA ALA A 306 8.22 -15.44 -15.02
C ALA A 306 7.33 -15.90 -13.87
N ASN A 307 6.78 -14.95 -13.11
CA ASN A 307 6.11 -15.30 -11.84
C ASN A 307 4.66 -14.90 -11.75
N VAL A 308 4.20 -14.09 -12.69
CA VAL A 308 2.84 -13.58 -12.66
C VAL A 308 1.81 -14.70 -12.86
N SER A 309 0.69 -14.58 -12.16
CA SER A 309 -0.38 -15.57 -12.31
C SER A 309 -0.94 -15.47 -13.73
N GLU A 310 -1.36 -16.60 -14.26
CA GLU A 310 -1.92 -16.63 -15.62
C GLU A 310 -3.15 -15.73 -15.71
N GLU A 311 -3.87 -15.63 -14.60
CA GLU A 311 -5.10 -14.87 -14.55
C GLU A 311 -4.89 -13.39 -14.93
N ILE A 312 -3.77 -12.81 -14.53
CA ILE A 312 -3.53 -11.41 -14.82
C ILE A 312 -2.45 -11.17 -15.87
N ARG A 313 -1.81 -12.23 -16.34
CA ARG A 313 -0.74 -12.08 -17.34
C ARG A 313 -1.08 -11.16 -18.53
N PRO A 314 -2.27 -11.31 -19.13
CA PRO A 314 -2.53 -10.47 -20.30
C PRO A 314 -2.58 -8.99 -19.97
N ILE A 315 -3.03 -8.66 -18.77
CA ILE A 315 -3.11 -7.26 -18.37
C ILE A 315 -1.69 -6.75 -18.13
N VAL A 316 -0.85 -7.55 -17.48
CA VAL A 316 0.54 -7.17 -17.25
C VAL A 316 1.29 -6.99 -18.56
N GLU A 317 1.10 -7.91 -19.51
CA GLU A 317 1.76 -7.79 -20.81
C GLU A 317 1.32 -6.49 -21.49
N SER A 318 0.02 -6.16 -21.39
CA SER A 318 -0.49 -4.89 -21.93
C SER A 318 0.24 -3.70 -21.30
N LEU A 319 0.36 -3.71 -19.97
CA LEU A 319 1.00 -2.61 -19.26
C LEU A 319 2.46 -2.49 -19.67
N PHE A 320 3.12 -3.63 -19.89
CA PHE A 320 4.53 -3.63 -20.22
C PHE A 320 4.80 -3.31 -21.69
N SER A 321 3.75 -3.30 -22.51
CA SER A 321 3.90 -3.12 -23.95
C SER A 321 4.15 -1.66 -24.31
#